data_7QEK
#
_entry.id   7QEK
#
_cell.length_a   53.213
_cell.length_b   76.036
_cell.length_c   94.134
_cell.angle_alpha   90.000
_cell.angle_beta   90.000
_cell.angle_gamma   90.000
#
_symmetry.space_group_name_H-M   'P 21 21 21'
#
loop_
_entity.id
_entity.type
_entity.pdbx_description
1 polymer 'regulator AdmX'
2 non-polymer '3-(1H-INDOL-3-YL)-2-OXOPROPANOIC ACID'
3 non-polymer 'MAGNESIUM ION'
4 water water
#
_entity_poly.entity_id   1
_entity_poly.type   'polypeptide(L)'
_entity_poly.pdbx_seq_one_letter_code
;MGSSHHHHHHSSGLVPRGSHMQGIYQDLSNLRLLADNLARDPRAKFTLGCLPCLGLSLVPEIATDFYQQNSNLVMTLTAE
HTETLVKKLDLREIDLALTMQPVQQGDIMATLIAEVPLVYVDKDYRQGAVEIDSIDQQRWISPGLDSLSTAIAAHRVFPA
TGLNVETCYMAMEFVKRGVGCCITDIFSARHSLTPEMIHQISPPMKIDLYLLRRADASLSPVTQKFVDFLCKRLRNELRE
INLELYPG
;
_entity_poly.pdbx_strand_id   A,B
#
loop_
_chem_comp.id
_chem_comp.type
_chem_comp.name
_chem_comp.formula
3IO non-polymer '3-(1H-INDOL-3-YL)-2-OXOPROPANOIC ACID' 'C11 H9 N O3'
MG non-polymer 'MAGNESIUM ION' 'Mg 2'
#
# COMPACT_ATOMS: atom_id res chain seq x y z
N PRO A 42 26.10 -5.60 -16.39
CA PRO A 42 26.51 -6.41 -15.23
C PRO A 42 25.42 -6.48 -14.16
N ARG A 43 24.80 -7.66 -14.06
N ARG A 43 24.78 -7.65 -14.08
CA ARG A 43 23.66 -7.88 -13.19
CA ARG A 43 23.66 -7.87 -13.18
C ARG A 43 23.95 -7.47 -11.75
C ARG A 43 23.98 -7.45 -11.76
N ALA A 44 23.18 -6.52 -11.23
CA ALA A 44 23.26 -6.11 -9.84
C ALA A 44 21.92 -6.36 -9.16
N LYS A 45 21.97 -6.69 -7.87
CA LYS A 45 20.77 -6.96 -7.08
C LYS A 45 20.62 -5.89 -6.01
N PHE A 46 19.45 -5.26 -5.98
CA PHE A 46 19.15 -4.30 -4.92
C PHE A 46 17.66 -4.35 -4.58
N THR A 47 17.36 -3.98 -3.34
CA THR A 47 15.99 -3.91 -2.84
C THR A 47 15.69 -2.48 -2.41
N LEU A 48 14.65 -1.89 -3.00
CA LEU A 48 14.17 -0.57 -2.63
C LEU A 48 12.85 -0.71 -1.89
N GLY A 49 12.79 -0.16 -0.68
CA GLY A 49 11.56 -0.02 0.06
C GLY A 49 11.14 1.44 0.06
N CYS A 50 9.82 1.68 0.07
CA CYS A 50 9.32 3.04 0.03
C CYS A 50 8.03 3.12 0.82
N LEU A 51 7.63 4.34 1.15
CA LEU A 51 6.35 4.56 1.79
C LEU A 51 5.22 4.20 0.83
N PRO A 52 4.04 3.84 1.35
CA PRO A 52 2.93 3.50 0.45
C PRO A 52 2.57 4.60 -0.55
N CYS A 53 2.58 5.87 -0.14
CA CYS A 53 2.17 6.93 -1.06
C CYS A 53 3.10 7.01 -2.27
N LEU A 54 4.38 6.67 -2.07
CA LEU A 54 5.33 6.64 -3.17
C LEU A 54 5.22 5.39 -4.02
N GLY A 55 4.69 4.28 -3.48
CA GLY A 55 4.60 3.05 -4.24
C GLY A 55 3.39 2.94 -5.12
N LEU A 56 2.42 3.84 -4.97
CA LEU A 56 1.19 3.73 -5.74
C LEU A 56 1.44 3.94 -7.23
N SER A 57 2.42 4.78 -7.57
CA SER A 57 2.66 5.07 -8.98
C SER A 57 4.08 5.58 -9.24
N LEU A 58 4.57 6.49 -8.39
CA LEU A 58 5.81 7.20 -8.68
C LEU A 58 6.99 6.24 -8.78
N VAL A 59 7.25 5.47 -7.72
CA VAL A 59 8.39 4.57 -7.68
C VAL A 59 8.26 3.47 -8.73
N PRO A 60 7.08 2.86 -8.95
CA PRO A 60 6.97 1.91 -10.07
C PRO A 60 7.24 2.53 -11.43
N GLU A 61 6.81 3.78 -11.64
N GLU A 61 6.80 3.78 -11.65
CA GLU A 61 7.11 4.47 -12.88
CA GLU A 61 7.13 4.45 -12.91
C GLU A 61 8.61 4.62 -13.09
C GLU A 61 8.64 4.57 -13.08
N ILE A 62 9.30 5.12 -12.07
CA ILE A 62 10.75 5.36 -12.18
C ILE A 62 11.50 4.05 -12.36
N ALA A 63 11.13 3.02 -11.58
CA ALA A 63 11.76 1.71 -11.73
C ALA A 63 11.53 1.16 -13.13
N THR A 64 10.31 1.35 -13.67
CA THR A 64 10.03 0.94 -15.04
C THR A 64 10.97 1.60 -16.04
N ASP A 65 11.08 2.93 -15.97
CA ASP A 65 11.96 3.64 -16.90
C ASP A 65 13.39 3.16 -16.79
N PHE A 66 13.83 2.82 -15.58
CA PHE A 66 15.18 2.29 -15.42
C PHE A 66 15.28 0.86 -15.92
N TYR A 67 14.26 0.05 -15.63
CA TYR A 67 14.30 -1.36 -16.03
C TYR A 67 14.34 -1.51 -17.54
N GLN A 68 13.71 -0.59 -18.27
CA GLN A 68 13.62 -0.74 -19.72
C GLN A 68 14.97 -0.49 -20.40
N GLN A 69 15.75 0.47 -19.90
N GLN A 69 15.73 0.47 -19.90
CA GLN A 69 17.06 0.75 -20.46
CA GLN A 69 17.05 0.77 -20.44
C GLN A 69 18.16 -0.10 -19.82
C GLN A 69 18.15 -0.05 -19.78
N ASN A 70 17.79 -1.00 -18.90
CA ASN A 70 18.76 -1.92 -18.30
C ASN A 70 18.05 -3.12 -17.71
N SER A 71 17.95 -4.20 -18.48
CA SER A 71 17.13 -5.34 -18.06
C SER A 71 17.88 -6.31 -17.16
N ASN A 72 19.21 -6.37 -17.26
CA ASN A 72 19.99 -7.35 -16.51
C ASN A 72 20.11 -6.88 -15.06
N LEU A 73 19.07 -7.16 -14.28
CA LEU A 73 18.94 -6.67 -12.92
C LEU A 73 18.25 -7.71 -12.06
N VAL A 74 18.45 -7.59 -10.75
CA VAL A 74 17.61 -8.27 -9.76
C VAL A 74 17.04 -7.16 -8.88
N MET A 75 15.89 -6.64 -9.29
CA MET A 75 15.25 -5.51 -8.64
C MET A 75 14.13 -6.02 -7.74
N THR A 76 14.17 -5.65 -6.46
CA THR A 76 13.08 -5.95 -5.53
C THR A 76 12.52 -4.64 -4.98
N LEU A 77 11.20 -4.51 -5.05
CA LEU A 77 10.48 -3.34 -4.57
C LEU A 77 9.46 -3.76 -3.53
N THR A 78 9.32 -2.95 -2.48
CA THR A 78 8.29 -3.17 -1.48
C THR A 78 7.89 -1.84 -0.88
N ALA A 79 6.64 -1.76 -0.44
CA ALA A 79 6.12 -0.59 0.25
C ALA A 79 5.91 -0.93 1.72
N GLU A 80 6.43 -0.08 2.61
CA GLU A 80 6.35 -0.33 4.04
C GLU A 80 6.15 0.98 4.77
N HIS A 81 5.72 0.89 6.03
CA HIS A 81 5.75 2.05 6.90
C HIS A 81 7.16 2.34 7.38
N THR A 82 7.37 3.59 7.81
CA THR A 82 8.71 4.09 8.13
C THR A 82 9.44 3.16 9.09
N GLU A 83 8.78 2.78 10.20
CA GLU A 83 9.42 1.94 11.21
C GLU A 83 9.93 0.64 10.60
N THR A 84 9.10 0.00 9.77
CA THR A 84 9.51 -1.25 9.14
C THR A 84 10.67 -1.02 8.17
N LEU A 85 10.59 0.05 7.37
CA LEU A 85 11.66 0.37 6.43
C LEU A 85 13.00 0.47 7.15
N VAL A 86 13.03 1.11 8.31
CA VAL A 86 14.28 1.30 9.04
C VAL A 86 14.80 -0.04 9.54
N LYS A 87 13.94 -0.85 10.14
CA LYS A 87 14.39 -2.15 10.65
C LYS A 87 14.90 -3.03 9.54
N LYS A 88 14.17 -3.10 8.42
CA LYS A 88 14.62 -3.89 7.29
C LYS A 88 15.96 -3.39 6.73
N LEU A 89 16.23 -2.09 6.89
CA LEU A 89 17.53 -1.57 6.52
C LEU A 89 18.60 -2.02 7.52
N ASP A 90 18.29 -1.97 8.81
CA ASP A 90 19.21 -2.49 9.83
C ASP A 90 19.56 -3.94 9.57
N LEU A 91 18.56 -4.73 9.19
CA LEU A 91 18.72 -6.16 9.01
C LEU A 91 19.14 -6.52 7.58
N ARG A 92 19.47 -5.51 6.76
CA ARG A 92 19.98 -5.72 5.41
C ARG A 92 18.99 -6.49 4.54
N GLU A 93 17.70 -6.41 4.91
CA GLU A 93 16.63 -6.95 4.10
C GLU A 93 16.29 -6.05 2.93
N ILE A 94 16.57 -4.76 3.04
CA ILE A 94 16.48 -3.82 1.92
C ILE A 94 17.75 -2.98 1.92
N ASP A 95 18.07 -2.42 0.76
CA ASP A 95 19.27 -1.61 0.61
C ASP A 95 18.99 -0.11 0.54
N LEU A 96 17.76 0.27 0.22
CA LEU A 96 17.40 1.66 0.02
C LEU A 96 15.99 1.87 0.55
N ALA A 97 15.77 3.02 1.18
CA ALA A 97 14.45 3.33 1.71
C ALA A 97 14.09 4.78 1.41
N LEU A 98 12.86 5.00 0.95
CA LEU A 98 12.34 6.33 0.70
C LEU A 98 11.34 6.66 1.80
N THR A 99 11.64 7.69 2.58
CA THR A 99 10.80 8.07 3.71
C THR A 99 10.60 9.58 3.69
N MET A 100 9.83 10.05 4.65
CA MET A 100 9.57 11.47 4.84
C MET A 100 10.05 11.90 6.22
N GLN A 101 11.16 11.29 6.66
CA GLN A 101 11.72 11.41 7.98
C GLN A 101 13.22 11.16 7.90
N PRO A 102 14.05 12.01 8.47
CA PRO A 102 15.47 11.69 8.59
C PRO A 102 15.71 10.66 9.66
N VAL A 103 16.81 9.93 9.51
CA VAL A 103 17.19 8.90 10.46
C VAL A 103 18.71 8.86 10.50
N GLN A 104 19.27 8.76 11.70
CA GLN A 104 20.71 8.66 11.82
C GLN A 104 21.11 7.56 12.80
N GLN A 105 20.30 6.50 12.90
N GLN A 105 20.36 6.47 12.81
CA GLN A 105 20.65 5.38 13.76
CA GLN A 105 20.65 5.38 13.71
C GLN A 105 21.57 4.42 13.03
C GLN A 105 21.56 4.37 13.01
N GLY A 106 22.42 3.74 13.79
CA GLY A 106 23.36 2.79 13.22
C GLY A 106 24.25 3.47 12.18
N ASP A 107 24.29 2.90 10.97
N ASP A 107 24.24 2.90 10.98
CA ASP A 107 25.04 3.51 9.88
CA ASP A 107 25.01 3.38 9.84
C ASP A 107 24.13 4.04 8.77
C ASP A 107 24.13 4.01 8.77
N ILE A 108 22.87 4.31 9.07
CA ILE A 108 21.91 4.80 8.09
C ILE A 108 22.19 6.27 7.78
N MET A 109 22.37 6.58 6.49
CA MET A 109 22.60 7.94 6.01
C MET A 109 21.33 8.45 5.33
N ALA A 110 20.82 9.59 5.81
CA ALA A 110 19.59 10.19 5.28
C ALA A 110 19.95 11.33 4.33
N THR A 111 19.52 11.20 3.07
CA THR A 111 19.79 12.19 2.03
C THR A 111 18.49 12.90 1.67
N LEU A 112 18.47 14.22 1.82
CA LEU A 112 17.29 15.02 1.50
C LEU A 112 17.19 15.17 -0.02
N ILE A 113 16.10 14.65 -0.60
CA ILE A 113 15.93 14.65 -2.04
C ILE A 113 15.19 15.89 -2.52
N ALA A 114 14.10 16.22 -1.84
CA ALA A 114 13.18 17.26 -2.31
C ALA A 114 12.12 17.44 -1.24
N GLU A 115 11.22 18.39 -1.48
CA GLU A 115 10.14 18.68 -0.56
C GLU A 115 8.81 18.30 -1.22
N VAL A 116 7.96 17.63 -0.45
CA VAL A 116 6.70 17.08 -0.94
C VAL A 116 5.58 18.02 -0.51
N PRO A 117 4.81 18.57 -1.44
CA PRO A 117 3.69 19.43 -1.03
C PRO A 117 2.54 18.62 -0.44
N LEU A 118 1.94 19.16 0.61
CA LEU A 118 0.74 18.59 1.19
C LEU A 118 -0.50 19.26 0.62
N VAL A 119 -1.61 18.54 0.62
CA VAL A 119 -2.87 19.08 0.10
C VAL A 119 -4.01 18.66 1.01
N TYR A 120 -5.04 19.51 1.03
CA TYR A 120 -6.30 19.20 1.69
C TYR A 120 -7.20 18.45 0.70
N VAL A 121 -7.83 17.37 1.17
CA VAL A 121 -8.68 16.55 0.31
C VAL A 121 -10.06 16.43 0.96
N ASP A 122 -11.09 16.57 0.14
CA ASP A 122 -12.48 16.53 0.60
C ASP A 122 -13.39 16.34 -0.60
N LYS A 123 -14.48 15.61 -0.37
CA LYS A 123 -15.56 15.53 -1.35
C LYS A 123 -16.48 16.74 -1.10
N ASP A 124 -16.00 17.90 -1.52
CA ASP A 124 -16.83 19.08 -1.60
C ASP A 124 -16.47 19.81 -2.88
N TYR A 125 -17.42 20.57 -3.40
CA TYR A 125 -17.28 21.13 -4.73
C TYR A 125 -16.95 22.62 -4.71
N ARG A 126 -16.60 23.17 -3.53
CA ARG A 126 -15.94 24.46 -3.45
C ARG A 126 -14.47 24.27 -3.80
N GLN A 127 -13.99 24.97 -4.81
CA GLN A 127 -12.60 24.84 -5.23
C GLN A 127 -11.76 26.00 -4.69
N GLY A 128 -10.46 25.88 -4.87
CA GLY A 128 -9.52 26.87 -4.37
C GLY A 128 -8.85 26.42 -3.08
N ALA A 129 -7.82 27.16 -2.69
CA ALA A 129 -7.03 26.81 -1.52
C ALA A 129 -7.89 26.84 -0.26
N VAL A 130 -7.36 26.21 0.79
CA VAL A 130 -8.08 26.05 2.05
C VAL A 130 -7.15 26.38 3.20
N GLU A 131 -7.59 27.26 4.10
CA GLU A 131 -6.84 27.53 5.31
C GLU A 131 -7.02 26.39 6.30
N ILE A 132 -5.94 26.05 7.02
CA ILE A 132 -6.01 24.95 7.97
C ILE A 132 -7.04 25.26 9.07
N ASP A 133 -7.21 26.54 9.41
N ASP A 133 -7.21 26.53 9.41
CA ASP A 133 -8.19 26.90 10.43
CA ASP A 133 -8.18 26.91 10.42
C ASP A 133 -9.62 26.78 9.94
C ASP A 133 -9.61 26.75 9.94
N SER A 134 -9.83 26.67 8.63
CA SER A 134 -11.19 26.56 8.08
C SER A 134 -11.66 25.11 7.95
N ILE A 135 -10.85 24.15 8.39
CA ILE A 135 -11.18 22.74 8.22
C ILE A 135 -12.18 22.32 9.30
N ASP A 136 -13.23 21.62 8.88
CA ASP A 136 -14.30 21.17 9.78
C ASP A 136 -13.77 19.97 10.57
N GLN A 137 -13.39 20.22 11.84
CA GLN A 137 -12.75 19.17 12.63
C GLN A 137 -13.72 18.04 12.99
N GLN A 138 -15.01 18.22 12.78
CA GLN A 138 -15.96 17.13 13.00
C GLN A 138 -15.97 16.12 11.88
N ARG A 139 -15.25 16.39 10.78
CA ARG A 139 -15.11 15.43 9.69
C ARG A 139 -13.66 15.02 9.46
N TRP A 140 -12.77 15.36 10.40
CA TRP A 140 -11.35 15.11 10.22
C TRP A 140 -11.02 13.63 10.39
N ILE A 141 -10.21 13.11 9.46
CA ILE A 141 -9.67 11.76 9.54
C ILE A 141 -8.22 11.90 9.96
N SER A 142 -7.88 11.44 11.16
CA SER A 142 -6.53 11.64 11.69
CA SER A 142 -6.53 11.64 11.69
C SER A 142 -5.52 10.81 10.91
N PRO A 143 -4.47 11.42 10.35
CA PRO A 143 -3.47 10.63 9.63
C PRO A 143 -2.59 9.85 10.59
N GLY A 144 -1.70 9.04 10.01
CA GLY A 144 -0.81 8.20 10.80
C GLY A 144 0.65 8.49 10.53
N LEU A 145 0.95 9.12 9.40
CA LEU A 145 2.31 9.51 9.06
C LEU A 145 2.78 10.56 10.06
N ASP A 146 3.72 10.19 10.94
CA ASP A 146 4.22 11.11 11.95
C ASP A 146 4.67 12.44 11.35
N SER A 147 5.50 12.39 10.31
CA SER A 147 5.94 13.60 9.64
C SER A 147 4.76 14.42 9.15
N LEU A 148 3.82 13.77 8.46
CA LEU A 148 2.57 14.44 8.08
C LEU A 148 1.88 15.02 9.31
N SER A 149 1.75 14.22 10.37
CA SER A 149 1.10 14.68 11.60
C SER A 149 1.87 15.84 12.22
N THR A 150 3.19 15.67 12.36
CA THR A 150 4.01 16.74 12.93
C THR A 150 3.88 18.04 12.13
N ALA A 151 3.94 17.93 10.80
CA ALA A 151 3.80 19.12 9.95
C ALA A 151 2.44 19.78 10.16
N ILE A 152 1.39 18.97 10.22
CA ILE A 152 0.06 19.51 10.49
C ILE A 152 0.00 20.11 11.88
N ALA A 153 0.59 19.42 12.87
CA ALA A 153 0.53 19.91 14.24
C ALA A 153 1.28 21.23 14.40
N ALA A 154 2.15 21.58 13.47
CA ALA A 154 2.84 22.86 13.55
C ALA A 154 1.87 24.02 13.39
N HIS A 155 0.79 23.81 12.64
CA HIS A 155 -0.16 24.86 12.34
C HIS A 155 -1.51 24.68 13.03
N ARG A 156 -1.89 23.46 13.36
CA ARG A 156 -3.16 23.20 14.01
C ARG A 156 -3.14 21.77 14.56
N VAL A 157 -3.55 21.63 15.82
CA VAL A 157 -3.74 20.31 16.43
C VAL A 157 -5.21 19.98 16.39
N PHE A 158 -5.55 18.88 15.71
CA PHE A 158 -6.94 18.42 15.59
C PHE A 158 -7.27 17.48 16.73
N PRO A 159 -8.46 17.56 17.31
CA PRO A 159 -8.79 16.70 18.45
C PRO A 159 -9.02 15.25 18.00
N ALA A 160 -9.18 14.39 19.00
CA ALA A 160 -9.44 12.98 18.73
C ALA A 160 -10.75 12.85 17.97
N THR A 161 -10.76 11.93 17.01
CA THR A 161 -11.90 11.77 16.11
C THR A 161 -12.24 10.28 16.00
N GLY A 162 -13.29 10.01 15.23
CA GLY A 162 -13.78 8.64 15.12
C GLY A 162 -12.95 7.79 14.16
N LEU A 163 -12.42 8.40 13.10
CA LEU A 163 -11.67 7.67 12.09
C LEU A 163 -10.19 8.04 12.18
N ASN A 164 -9.36 7.04 12.42
CA ASN A 164 -7.92 7.18 12.37
C ASN A 164 -7.39 6.19 11.35
N VAL A 165 -6.56 6.67 10.42
CA VAL A 165 -6.14 5.88 9.27
C VAL A 165 -4.64 6.08 9.11
N GLU A 166 -3.87 5.00 9.30
CA GLU A 166 -2.42 5.07 9.26
C GLU A 166 -1.84 4.78 7.88
N THR A 167 -2.68 4.58 6.86
CA THR A 167 -2.22 4.30 5.51
C THR A 167 -2.93 5.20 4.53
N CYS A 168 -2.15 5.84 3.64
CA CYS A 168 -2.65 6.97 2.86
C CYS A 168 -3.82 6.58 1.98
N TYR A 169 -3.68 5.51 1.19
CA TYR A 169 -4.74 5.17 0.25
C TYR A 169 -6.00 4.72 0.96
N MET A 170 -5.89 4.18 2.18
CA MET A 170 -7.09 3.85 2.94
C MET A 170 -7.86 5.13 3.31
N ALA A 171 -7.13 6.17 3.72
CA ALA A 171 -7.78 7.44 4.01
C ALA A 171 -8.45 8.01 2.76
N MET A 172 -7.77 7.93 1.63
CA MET A 172 -8.30 8.50 0.39
C MET A 172 -9.63 7.89 0.00
N GLU A 173 -9.81 6.59 0.29
CA GLU A 173 -11.07 5.93 -0.05
C GLU A 173 -12.22 6.48 0.78
N PHE A 174 -11.97 6.79 2.06
CA PHE A 174 -12.99 7.42 2.88
C PHE A 174 -13.35 8.79 2.36
N VAL A 175 -12.36 9.56 1.92
CA VAL A 175 -12.62 10.87 1.32
C VAL A 175 -13.46 10.71 0.07
N LYS A 176 -13.12 9.72 -0.76
CA LYS A 176 -13.84 9.49 -2.02
C LYS A 176 -15.31 9.19 -1.78
N ARG A 177 -15.65 8.60 -0.64
N ARG A 177 -15.65 8.60 -0.64
CA ARG A 177 -17.03 8.22 -0.32
CA ARG A 177 -17.01 8.22 -0.33
C ARG A 177 -17.75 9.29 0.49
C ARG A 177 -17.74 9.27 0.51
N GLY A 178 -17.12 10.44 0.72
CA GLY A 178 -17.73 11.52 1.46
C GLY A 178 -17.66 11.41 2.96
N VAL A 179 -16.85 10.49 3.49
CA VAL A 179 -16.91 10.21 4.92
C VAL A 179 -16.19 11.28 5.72
N GLY A 180 -15.13 11.87 5.18
CA GLY A 180 -14.40 12.86 5.92
C GLY A 180 -13.35 13.53 5.07
N CYS A 181 -12.53 14.34 5.71
CA CYS A 181 -11.51 15.12 5.03
C CYS A 181 -10.16 14.85 5.69
N CYS A 182 -9.11 15.26 5.00
CA CYS A 182 -7.75 14.94 5.43
C CYS A 182 -6.77 15.92 4.81
N ILE A 183 -5.56 15.92 5.36
CA ILE A 183 -4.40 16.55 4.73
C ILE A 183 -3.40 15.45 4.44
N THR A 184 -2.99 15.35 3.18
CA THR A 184 -2.17 14.25 2.73
C THR A 184 -1.11 14.76 1.75
N ASP A 185 -0.19 13.87 1.40
CA ASP A 185 0.80 14.18 0.38
C ASP A 185 0.13 14.25 -0.99
N ILE A 186 0.77 14.96 -1.92
CA ILE A 186 0.18 15.16 -3.24
C ILE A 186 0.07 13.85 -4.00
N PHE A 187 0.95 12.89 -3.72
CA PHE A 187 0.98 11.66 -4.52
C PHE A 187 -0.22 10.77 -4.22
N SER A 188 -0.51 10.56 -2.94
CA SER A 188 -1.67 9.74 -2.61
C SER A 188 -2.97 10.41 -3.03
N ALA A 189 -2.99 11.74 -3.08
CA ALA A 189 -4.18 12.46 -3.56
C ALA A 189 -4.32 12.32 -5.07
N ARG A 190 -3.22 12.55 -5.80
N ARG A 190 -3.23 12.54 -5.81
CA ARG A 190 -3.25 12.47 -7.26
CA ARG A 190 -3.29 12.48 -7.27
C ARG A 190 -3.69 11.09 -7.73
C ARG A 190 -3.69 11.09 -7.74
N HIS A 191 -3.17 10.05 -7.09
CA HIS A 191 -3.42 8.69 -7.54
C HIS A 191 -4.85 8.21 -7.27
N SER A 192 -5.45 8.66 -6.18
CA SER A 192 -6.73 8.07 -5.76
C SER A 192 -7.92 8.98 -6.01
N LEU A 193 -7.74 10.29 -6.14
CA LEU A 193 -8.85 11.22 -6.13
C LEU A 193 -8.95 11.99 -7.44
N THR A 194 -10.19 12.35 -7.79
CA THR A 194 -10.41 13.30 -8.87
C THR A 194 -9.91 14.68 -8.45
N PRO A 195 -9.46 15.51 -9.40
CA PRO A 195 -8.86 16.80 -9.01
C PRO A 195 -9.81 17.72 -8.26
N GLU A 196 -11.12 17.61 -8.48
CA GLU A 196 -12.06 18.47 -7.75
C GLU A 196 -11.99 18.26 -6.24
N MET A 197 -11.38 17.17 -5.78
CA MET A 197 -11.32 16.88 -4.36
C MET A 197 -10.01 17.33 -3.72
N ILE A 198 -9.06 17.79 -4.53
CA ILE A 198 -7.69 18.08 -4.10
C ILE A 198 -7.52 19.59 -4.03
N HIS A 199 -7.17 20.10 -2.86
CA HIS A 199 -7.04 21.54 -2.64
C HIS A 199 -5.67 21.88 -2.08
N GLN A 200 -5.11 22.98 -2.57
CA GLN A 200 -3.93 23.57 -1.96
C GLN A 200 -4.25 24.05 -0.55
N ILE A 201 -3.23 24.09 0.28
CA ILE A 201 -3.37 24.53 1.66
C ILE A 201 -2.79 25.94 1.77
N SER A 202 -3.36 26.75 2.65
CA SER A 202 -2.85 28.09 2.92
C SER A 202 -2.59 28.23 4.41
N PRO A 203 -1.36 28.57 4.82
CA PRO A 203 -0.20 28.74 3.93
C PRO A 203 0.29 27.40 3.36
N PRO A 204 1.11 27.42 2.31
CA PRO A 204 1.58 26.14 1.75
C PRO A 204 2.26 25.29 2.82
N MET A 205 2.03 23.98 2.73
CA MET A 205 2.61 23.01 3.66
C MET A 205 3.42 22.00 2.87
N LYS A 206 4.54 21.58 3.45
CA LYS A 206 5.44 20.65 2.79
C LYS A 206 6.06 19.72 3.82
N ILE A 207 6.52 18.57 3.34
CA ILE A 207 7.30 17.64 4.14
C ILE A 207 8.46 17.14 3.28
N ASP A 208 9.54 16.76 3.96
CA ASP A 208 10.81 16.43 3.30
C ASP A 208 10.83 14.97 2.88
N LEU A 209 11.38 14.72 1.68
CA LEU A 209 11.53 13.36 1.17
C LEU A 209 12.99 12.94 1.32
N TYR A 210 13.22 11.82 2.00
CA TYR A 210 14.57 11.34 2.28
C TYR A 210 14.83 9.99 1.61
N LEU A 211 16.04 9.82 1.10
CA LEU A 211 16.56 8.51 0.71
C LEU A 211 17.49 8.04 1.82
N LEU A 212 17.19 6.87 2.39
CA LEU A 212 18.00 6.27 3.45
C LEU A 212 18.85 5.16 2.87
N ARG A 213 20.08 5.06 3.37
CA ARG A 213 21.03 4.08 2.88
CA ARG A 213 21.01 4.04 2.90
C ARG A 213 22.08 3.82 3.96
N ARG A 214 22.44 2.56 4.17
CA ARG A 214 23.50 2.25 5.11
C ARG A 214 24.83 2.71 4.51
N ALA A 215 25.66 3.35 5.34
CA ALA A 215 26.99 3.73 4.88
C ALA A 215 27.87 2.49 4.69
N ASP A 216 28.06 1.72 5.77
CA ASP A 216 29.01 0.62 5.72
C ASP A 216 28.61 -0.47 4.73
N ALA A 217 27.32 -0.66 4.51
CA ALA A 217 26.87 -1.57 3.45
C ALA A 217 27.03 -0.85 2.12
N SER A 218 27.91 -1.37 1.27
CA SER A 218 28.26 -0.68 0.04
C SER A 218 27.40 -1.20 -1.11
N LEU A 219 27.36 -0.41 -2.19
CA LEU A 219 26.54 -0.71 -3.34
C LEU A 219 27.39 -0.90 -4.58
N SER A 220 26.86 -1.65 -5.52
CA SER A 220 27.57 -1.93 -6.76
C SER A 220 27.52 -0.71 -7.68
N PRO A 221 28.35 -0.69 -8.75
CA PRO A 221 28.29 0.45 -9.67
C PRO A 221 26.94 0.60 -10.36
N VAL A 222 26.30 -0.50 -10.74
CA VAL A 222 25.00 -0.41 -11.37
C VAL A 222 23.97 0.13 -10.37
N THR A 223 24.07 -0.30 -9.11
CA THR A 223 23.11 0.13 -8.11
C THR A 223 23.24 1.62 -7.82
N GLN A 224 24.47 2.14 -7.77
N GLN A 224 24.47 2.15 -7.77
CA GLN A 224 24.64 3.58 -7.54
CA GLN A 224 24.60 3.58 -7.53
C GLN A 224 24.13 4.39 -8.73
C GLN A 224 24.15 4.40 -8.73
N LYS A 225 24.19 3.82 -9.93
CA LYS A 225 23.61 4.50 -11.08
C LYS A 225 22.10 4.61 -10.93
N PHE A 226 21.46 3.53 -10.48
CA PHE A 226 20.03 3.57 -10.19
C PHE A 226 19.71 4.63 -9.15
N VAL A 227 20.52 4.69 -8.09
CA VAL A 227 20.27 5.64 -7.01
C VAL A 227 20.32 7.07 -7.55
N ASP A 228 21.32 7.37 -8.37
CA ASP A 228 21.40 8.70 -8.98
C ASP A 228 20.18 8.98 -9.83
N PHE A 229 19.82 8.04 -10.70
CA PHE A 229 18.65 8.19 -11.56
C PHE A 229 17.38 8.42 -10.74
N LEU A 230 17.21 7.61 -9.68
CA LEU A 230 16.05 7.74 -8.82
C LEU A 230 15.98 9.13 -8.18
N CYS A 231 17.11 9.62 -7.67
CA CYS A 231 17.11 10.89 -6.96
C CYS A 231 16.83 12.05 -7.90
N LYS A 232 17.43 12.00 -9.09
CA LYS A 232 17.21 13.04 -10.09
C LYS A 232 15.76 13.07 -10.56
N ARG A 233 15.19 11.90 -10.84
CA ARG A 233 13.80 11.83 -11.29
C ARG A 233 12.86 12.33 -10.20
N LEU A 234 13.07 11.89 -8.96
CA LEU A 234 12.22 12.33 -7.85
C LEU A 234 12.29 13.84 -7.66
N ARG A 235 13.51 14.40 -7.72
CA ARG A 235 13.65 15.84 -7.56
C ARG A 235 13.00 16.60 -8.72
N ASN A 236 13.17 16.11 -9.95
CA ASN A 236 12.60 16.83 -11.09
C ASN A 236 11.08 16.82 -11.06
N GLU A 237 10.47 15.67 -10.73
CA GLU A 237 9.02 15.60 -10.65
C GLU A 237 8.50 16.53 -9.57
N LEU A 238 9.16 16.54 -8.41
CA LEU A 238 8.71 17.39 -7.30
C LEU A 238 8.97 18.86 -7.58
N ARG A 239 10.06 19.17 -8.28
CA ARG A 239 10.30 20.56 -8.69
C ARG A 239 9.11 21.10 -9.47
N GLU A 240 8.62 20.32 -10.44
CA GLU A 240 7.49 20.74 -11.26
C GLU A 240 6.23 20.89 -10.42
N ILE A 241 5.86 19.81 -9.71
CA ILE A 241 4.65 19.80 -8.90
C ILE A 241 4.61 21.02 -7.97
N ASN A 242 5.74 21.31 -7.33
CA ASN A 242 5.79 22.43 -6.40
C ASN A 242 5.53 23.76 -7.11
N LEU A 243 6.05 23.93 -8.33
N LEU A 243 6.04 23.92 -8.33
CA LEU A 243 5.76 25.15 -9.08
CA LEU A 243 5.77 25.14 -9.08
C LEU A 243 4.28 25.24 -9.41
C LEU A 243 4.31 25.25 -9.47
N GLU A 244 3.66 24.12 -9.75
CA GLU A 244 2.23 24.12 -10.01
C GLU A 244 1.40 24.51 -8.80
N LEU A 245 2.02 24.55 -7.62
CA LEU A 245 1.31 24.94 -6.42
C LEU A 245 2.03 26.10 -5.73
N ALA B 44 -15.99 2.14 22.41
CA ALA B 44 -15.34 1.09 21.62
C ALA B 44 -14.24 1.66 20.73
N LYS B 45 -12.99 1.34 21.08
CA LYS B 45 -11.82 1.71 20.30
C LYS B 45 -11.11 0.44 19.87
N PHE B 46 -10.94 0.26 18.57
CA PHE B 46 -10.25 -0.91 18.06
C PHE B 46 -9.44 -0.55 16.82
N THR B 47 -8.37 -1.30 16.60
CA THR B 47 -7.49 -1.12 15.46
C THR B 47 -7.53 -2.39 14.59
N LEU B 48 -7.95 -2.21 13.34
CA LEU B 48 -7.96 -3.28 12.35
C LEU B 48 -6.81 -3.08 11.37
N GLY B 49 -5.96 -4.09 11.24
CA GLY B 49 -4.95 -4.13 10.20
C GLY B 49 -5.40 -5.08 9.09
N CYS B 50 -4.94 -4.81 7.88
CA CYS B 50 -5.33 -5.66 6.75
C CYS B 50 -4.23 -5.64 5.71
N LEU B 51 -4.27 -6.62 4.81
CA LEU B 51 -3.31 -6.67 3.73
C LEU B 51 -3.51 -5.47 2.80
N PRO B 52 -2.46 -5.05 2.09
CA PRO B 52 -2.63 -3.92 1.16
C PRO B 52 -3.76 -4.10 0.15
N CYS B 53 -3.91 -5.29 -0.42
CA CYS B 53 -4.91 -5.47 -1.47
C CYS B 53 -6.33 -5.28 -0.93
N LEU B 54 -6.53 -5.55 0.36
CA LEU B 54 -7.84 -5.36 0.98
C LEU B 54 -8.07 -3.91 1.39
N GLY B 55 -7.01 -3.12 1.57
CA GLY B 55 -7.18 -1.73 1.95
C GLY B 55 -7.39 -0.80 0.79
N LEU B 56 -7.17 -1.25 -0.44
CA LEU B 56 -7.30 -0.36 -1.59
C LEU B 56 -8.73 0.13 -1.77
N SER B 57 -9.72 -0.71 -1.47
CA SER B 57 -11.09 -0.23 -1.53
C SER B 57 -12.05 -1.06 -0.69
N LEU B 58 -11.81 -2.36 -0.58
CA LEU B 58 -12.80 -3.26 0.03
C LEU B 58 -13.06 -2.91 1.48
N VAL B 59 -12.02 -2.95 2.31
CA VAL B 59 -12.16 -2.69 3.74
C VAL B 59 -12.63 -1.26 4.00
N PRO B 60 -12.11 -0.23 3.30
CA PRO B 60 -12.67 1.11 3.53
C PRO B 60 -14.15 1.23 3.17
N GLU B 61 -14.59 0.56 2.09
CA GLU B 61 -16.01 0.58 1.76
C GLU B 61 -16.85 -0.01 2.89
N ILE B 62 -16.45 -1.17 3.39
CA ILE B 62 -17.22 -1.84 4.44
C ILE B 62 -17.18 -1.02 5.73
N ALA B 63 -16.00 -0.50 6.08
CA ALA B 63 -15.90 0.36 7.26
C ALA B 63 -16.78 1.60 7.11
N THR B 64 -16.83 2.16 5.90
CA THR B 64 -17.71 3.29 5.63
C THR B 64 -19.17 2.94 5.90
N ASP B 65 -19.66 1.85 5.30
CA ASP B 65 -21.05 1.46 5.48
C ASP B 65 -21.35 1.22 6.96
N PHE B 66 -20.41 0.65 7.70
CA PHE B 66 -20.63 0.47 9.13
C PHE B 66 -20.64 1.79 9.89
N TYR B 67 -19.67 2.66 9.63
CA TYR B 67 -19.55 3.92 10.39
C TYR B 67 -20.59 5.01 10.07
N GLN B 68 -21.32 4.86 8.96
CA GLN B 68 -22.52 5.67 8.77
C GLN B 68 -23.68 5.23 9.65
N GLN B 69 -23.75 3.93 9.98
CA GLN B 69 -24.84 3.41 10.80
C GLN B 69 -24.46 3.24 12.26
N ASN B 70 -23.20 3.50 12.62
CA ASN B 70 -22.74 3.39 14.00
C ASN B 70 -21.63 4.42 14.19
N SER B 71 -21.92 5.51 14.90
CA SER B 71 -20.94 6.56 15.15
C SER B 71 -20.28 6.45 16.51
N ASN B 72 -20.68 5.47 17.34
CA ASN B 72 -20.21 5.36 18.71
C ASN B 72 -18.90 4.61 18.82
N LEU B 73 -17.92 4.96 18.00
CA LEU B 73 -16.75 4.10 17.89
C LEU B 73 -15.53 4.93 17.53
N VAL B 74 -14.37 4.39 17.89
CA VAL B 74 -13.07 4.94 17.53
C VAL B 74 -12.36 3.86 16.71
N MET B 75 -12.44 3.97 15.38
CA MET B 75 -11.90 2.98 14.46
C MET B 75 -10.54 3.44 13.97
N THR B 76 -9.54 2.59 14.10
CA THR B 76 -8.22 2.83 13.52
C THR B 76 -7.90 1.74 12.50
N LEU B 77 -7.49 2.17 11.31
CA LEU B 77 -7.28 1.27 10.18
C LEU B 77 -5.87 1.45 9.63
N THR B 78 -5.22 0.31 9.34
CA THR B 78 -3.90 0.35 8.75
C THR B 78 -3.73 -0.84 7.81
N ALA B 79 -2.83 -0.70 6.85
CA ALA B 79 -2.51 -1.75 5.91
C ALA B 79 -1.06 -2.18 6.11
N GLU B 80 -0.85 -3.49 6.23
CA GLU B 80 0.48 -4.02 6.53
C GLU B 80 0.66 -5.35 5.81
N HIS B 81 1.92 -5.76 5.71
CA HIS B 81 2.22 -7.11 5.26
C HIS B 81 1.93 -8.12 6.38
N THR B 82 1.73 -9.38 5.97
CA THR B 82 1.38 -10.45 6.91
C THR B 82 2.27 -10.53 8.12
N GLU B 83 3.60 -10.55 7.87
N GLU B 83 3.60 -10.50 7.91
CA GLU B 83 4.60 -10.56 8.93
CA GLU B 83 4.51 -10.63 9.06
C GLU B 83 4.33 -9.49 9.98
C GLU B 83 4.34 -9.47 10.04
N THR B 84 4.14 -8.25 9.53
CA THR B 84 3.93 -7.13 10.44
C THR B 84 2.59 -7.23 11.14
N LEU B 85 1.54 -7.63 10.42
CA LEU B 85 0.23 -7.82 11.02
C LEU B 85 0.29 -8.82 12.16
N VAL B 86 1.05 -9.90 11.99
CA VAL B 86 1.13 -10.93 13.01
C VAL B 86 1.85 -10.40 14.24
N LYS B 87 3.01 -9.77 14.04
CA LYS B 87 3.77 -9.21 15.17
C LYS B 87 2.93 -8.21 15.95
N LYS B 88 2.34 -7.23 15.27
CA LYS B 88 1.51 -6.24 15.94
C LYS B 88 0.35 -6.89 16.68
N LEU B 89 -0.14 -8.02 16.18
CA LEU B 89 -1.18 -8.76 16.88
C LEU B 89 -0.62 -9.43 18.13
N ASP B 90 0.57 -10.02 18.03
CA ASP B 90 1.23 -10.61 19.19
C ASP B 90 1.43 -9.55 20.27
N LEU B 91 1.89 -8.37 19.89
CA LEU B 91 2.21 -7.32 20.83
C LEU B 91 0.99 -6.45 21.19
N ARG B 92 -0.22 -6.88 20.82
N ARG B 92 -0.21 -6.88 20.84
CA ARG B 92 -1.45 -6.17 21.17
CA ARG B 92 -1.45 -6.18 21.18
C ARG B 92 -1.45 -4.74 20.64
C ARG B 92 -1.47 -4.75 20.63
N GLU B 93 -0.68 -4.49 19.58
CA GLU B 93 -0.67 -3.17 18.94
C GLU B 93 -1.85 -3.00 18.00
N ILE B 94 -2.40 -4.09 17.47
CA ILE B 94 -3.66 -4.07 16.75
C ILE B 94 -4.53 -5.19 17.33
N ASP B 95 -5.83 -5.06 17.11
CA ASP B 95 -6.80 -6.01 17.67
C ASP B 95 -7.32 -7.01 16.65
N LEU B 96 -7.21 -6.71 15.36
CA LEU B 96 -7.78 -7.56 14.32
C LEU B 96 -6.90 -7.45 13.10
N ALA B 97 -6.75 -8.56 12.38
CA ALA B 97 -5.94 -8.57 11.17
C ALA B 97 -6.61 -9.43 10.11
N LEU B 98 -6.68 -8.90 8.89
CA LEU B 98 -7.20 -9.64 7.74
C LEU B 98 -6.01 -10.10 6.91
N THR B 99 -5.86 -11.41 6.76
CA THR B 99 -4.74 -11.99 6.03
C THR B 99 -5.27 -13.05 5.07
N MET B 100 -4.36 -13.58 4.26
CA MET B 100 -4.65 -14.70 3.37
C MET B 100 -3.83 -15.92 3.77
N GLN B 101 -3.79 -16.18 5.07
CA GLN B 101 -2.92 -17.17 5.68
C GLN B 101 -3.43 -17.47 7.08
N PRO B 102 -3.68 -18.74 7.43
CA PRO B 102 -3.98 -19.06 8.82
C PRO B 102 -2.76 -18.91 9.69
N VAL B 103 -2.98 -18.59 10.95
CA VAL B 103 -1.90 -18.48 11.92
C VAL B 103 -2.42 -19.00 13.25
N GLN B 104 -1.63 -19.87 13.88
CA GLN B 104 -1.93 -20.31 15.23
C GLN B 104 -0.70 -20.25 16.13
N GLN B 105 0.29 -19.42 15.77
CA GLN B 105 1.42 -19.16 16.64
C GLN B 105 1.00 -18.23 17.77
N GLY B 106 1.63 -18.39 18.92
CA GLY B 106 1.24 -17.60 20.08
C GLY B 106 -0.21 -17.84 20.42
N ASP B 107 -0.99 -16.76 20.49
CA ASP B 107 -2.37 -16.80 20.93
C ASP B 107 -3.35 -16.46 19.81
N ILE B 108 -2.92 -16.60 18.56
CA ILE B 108 -3.66 -16.09 17.41
C ILE B 108 -4.72 -17.11 16.98
N MET B 109 -5.95 -16.66 16.82
CA MET B 109 -7.06 -17.48 16.35
C MET B 109 -7.47 -17.02 14.95
N ALA B 110 -7.47 -17.94 13.99
CA ALA B 110 -7.76 -17.62 12.60
C ALA B 110 -9.17 -18.08 12.24
N THR B 111 -9.95 -17.16 11.66
CA THR B 111 -11.32 -17.42 11.24
C THR B 111 -11.38 -17.38 9.71
N LEU B 112 -11.83 -18.48 9.11
CA LEU B 112 -11.92 -18.58 7.65
C LEU B 112 -13.19 -17.86 7.18
N ILE B 113 -13.00 -16.80 6.41
CA ILE B 113 -14.13 -15.97 5.97
C ILE B 113 -14.66 -16.41 4.62
N ALA B 114 -13.77 -16.55 3.64
CA ALA B 114 -14.16 -16.78 2.25
C ALA B 114 -12.92 -17.16 1.47
N GLU B 115 -13.12 -17.49 0.20
CA GLU B 115 -12.03 -17.80 -0.71
C GLU B 115 -11.90 -16.67 -1.71
N VAL B 116 -10.68 -16.22 -1.93
CA VAL B 116 -10.39 -15.08 -2.79
C VAL B 116 -9.89 -15.61 -4.14
N PRO B 117 -10.57 -15.31 -5.25
CA PRO B 117 -10.09 -15.82 -6.54
C PRO B 117 -8.81 -15.13 -6.95
N LEU B 118 -7.88 -15.92 -7.47
CA LEU B 118 -6.66 -15.40 -8.06
C LEU B 118 -6.87 -15.20 -9.56
N VAL B 119 -6.17 -14.20 -10.11
CA VAL B 119 -6.30 -13.89 -11.53
C VAL B 119 -4.92 -13.63 -12.11
N TYR B 120 -4.82 -13.89 -13.40
CA TYR B 120 -3.64 -13.54 -14.16
C TYR B 120 -3.80 -12.17 -14.81
N VAL B 121 -2.76 -11.34 -14.69
CA VAL B 121 -2.81 -9.97 -15.19
C VAL B 121 -1.65 -9.77 -16.17
N ASP B 122 -1.97 -9.22 -17.33
CA ASP B 122 -1.00 -8.92 -18.37
C ASP B 122 -1.68 -8.06 -19.42
N LYS B 123 -1.08 -6.93 -19.76
CA LYS B 123 -1.59 -6.12 -20.84
C LYS B 123 -1.37 -6.78 -22.20
N ASP B 124 -0.48 -7.77 -22.29
CA ASP B 124 -0.13 -8.39 -23.56
C ASP B 124 -1.12 -9.50 -23.95
N TYR B 125 -1.12 -10.59 -23.19
CA TYR B 125 -2.05 -11.71 -23.37
C TYR B 125 -3.45 -11.21 -23.68
N ARG B 126 -3.95 -11.56 -24.87
CA ARG B 126 -5.28 -11.12 -25.27
CA ARG B 126 -5.29 -11.17 -25.28
C ARG B 126 -6.33 -11.65 -24.28
N GLN B 127 -7.50 -11.02 -24.29
CA GLN B 127 -8.56 -11.24 -23.32
C GLN B 127 -9.07 -12.68 -23.35
N GLY B 128 -9.15 -13.30 -22.19
CA GLY B 128 -9.56 -14.68 -22.09
C GLY B 128 -8.77 -15.39 -21.01
N ALA B 129 -9.36 -16.48 -20.52
CA ALA B 129 -8.76 -17.29 -19.48
C ALA B 129 -7.39 -17.82 -19.93
N VAL B 130 -6.54 -18.13 -18.95
CA VAL B 130 -5.15 -18.47 -19.21
C VAL B 130 -4.77 -19.68 -18.37
N GLU B 131 -4.18 -20.68 -19.00
CA GLU B 131 -3.63 -21.83 -18.28
C GLU B 131 -2.30 -21.46 -17.64
N ILE B 132 -2.08 -21.98 -16.43
CA ILE B 132 -0.86 -21.65 -15.70
C ILE B 132 0.37 -22.06 -16.49
N ASP B 133 0.28 -23.15 -17.26
CA ASP B 133 1.42 -23.61 -18.04
C ASP B 133 1.70 -22.73 -19.24
N SER B 134 0.75 -21.90 -19.65
CA SER B 134 0.91 -21.06 -20.83
C SER B 134 1.49 -19.70 -20.49
N ILE B 135 2.01 -19.56 -19.27
CA ILE B 135 2.42 -18.25 -18.75
C ILE B 135 3.85 -17.98 -19.21
N ASP B 136 4.07 -16.79 -19.74
CA ASP B 136 5.40 -16.44 -20.21
C ASP B 136 6.28 -16.13 -19.00
N GLN B 137 7.08 -17.12 -18.57
CA GLN B 137 7.94 -16.93 -17.41
C GLN B 137 9.13 -16.00 -17.67
N GLN B 138 9.36 -15.58 -18.91
N GLN B 138 9.37 -15.60 -18.92
CA GLN B 138 10.38 -14.57 -19.18
CA GLN B 138 10.36 -14.57 -19.21
C GLN B 138 9.90 -13.16 -18.88
C GLN B 138 9.92 -13.21 -18.67
N ARG B 139 8.61 -12.98 -18.61
CA ARG B 139 8.06 -11.71 -18.17
C ARG B 139 7.40 -11.80 -16.79
N TRP B 140 7.74 -12.81 -16.00
CA TRP B 140 7.09 -13.02 -14.72
C TRP B 140 7.63 -12.05 -13.67
N ILE B 141 6.71 -11.43 -12.93
CA ILE B 141 7.06 -10.59 -11.79
C ILE B 141 6.79 -11.40 -10.53
N SER B 142 7.84 -11.74 -9.78
CA SER B 142 7.69 -12.63 -8.63
C SER B 142 7.02 -11.88 -7.48
N PRO B 143 5.99 -12.45 -6.84
CA PRO B 143 5.34 -11.74 -5.73
C PRO B 143 6.10 -11.84 -4.41
N GLY B 144 7.36 -12.25 -4.45
CA GLY B 144 8.13 -12.39 -3.23
C GLY B 144 7.93 -13.77 -2.63
N LEU B 145 7.65 -13.81 -1.33
CA LEU B 145 7.45 -15.07 -0.60
C LEU B 145 6.28 -14.86 0.36
N ASP B 146 5.10 -15.35 -0.03
CA ASP B 146 3.94 -15.22 0.83
C ASP B 146 3.00 -16.39 0.53
N SER B 147 1.75 -16.23 0.94
CA SER B 147 0.76 -17.28 0.70
C SER B 147 0.33 -17.30 -0.75
N LEU B 148 0.26 -16.12 -1.38
CA LEU B 148 0.02 -16.05 -2.81
C LEU B 148 1.05 -16.87 -3.58
N SER B 149 2.33 -16.67 -3.27
CA SER B 149 3.39 -17.42 -3.94
C SER B 149 3.27 -18.91 -3.70
N THR B 150 3.04 -19.29 -2.44
CA THR B 150 2.87 -20.70 -2.11
C THR B 150 1.72 -21.31 -2.89
N ALA B 151 0.60 -20.58 -3.01
CA ALA B 151 -0.55 -21.09 -3.75
C ALA B 151 -0.19 -21.28 -5.23
N ILE B 152 0.54 -20.33 -5.80
CA ILE B 152 0.99 -20.48 -7.18
C ILE B 152 1.97 -21.65 -7.28
N ALA B 153 2.88 -21.76 -6.31
CA ALA B 153 3.89 -22.82 -6.37
C ALA B 153 3.26 -24.21 -6.29
N ALA B 154 2.02 -24.30 -5.80
CA ALA B 154 1.35 -25.59 -5.74
C ALA B 154 1.10 -26.13 -7.14
N HIS B 155 0.89 -25.24 -8.11
CA HIS B 155 0.55 -25.63 -9.47
C HIS B 155 1.67 -25.42 -10.47
N ARG B 156 2.56 -24.45 -10.23
CA ARG B 156 3.70 -24.22 -11.12
C ARG B 156 4.73 -23.38 -10.38
N VAL B 157 5.99 -23.78 -10.47
CA VAL B 157 7.09 -23.02 -9.88
C VAL B 157 7.72 -22.16 -10.96
N PHE B 158 7.77 -20.87 -10.73
CA PHE B 158 8.37 -19.94 -11.67
C PHE B 158 9.82 -19.65 -11.28
N PRO B 159 10.75 -19.63 -12.23
CA PRO B 159 12.16 -19.42 -11.88
C PRO B 159 12.41 -18.00 -11.39
N ALA B 160 13.63 -17.80 -10.90
CA ALA B 160 14.05 -16.47 -10.46
C ALA B 160 14.03 -15.51 -11.64
N THR B 161 13.65 -14.28 -11.37
CA THR B 161 13.42 -13.30 -12.42
C THR B 161 14.00 -11.96 -12.02
N GLY B 162 13.88 -11.00 -12.93
CA GLY B 162 14.51 -9.70 -12.72
C GLY B 162 13.69 -8.77 -11.87
N LEU B 163 12.37 -8.90 -11.91
CA LEU B 163 11.48 -8.03 -11.14
C LEU B 163 10.84 -8.83 -10.02
N ASN B 164 11.07 -8.38 -8.79
CA ASN B 164 10.44 -8.93 -7.60
C ASN B 164 9.72 -7.79 -6.90
N VAL B 165 8.43 -7.98 -6.63
CA VAL B 165 7.59 -6.91 -6.10
C VAL B 165 6.79 -7.51 -4.94
N GLU B 166 7.09 -7.09 -3.73
CA GLU B 166 6.47 -7.65 -2.53
C GLU B 166 5.18 -6.95 -2.15
N THR B 167 4.69 -6.02 -2.97
CA THR B 167 3.48 -5.26 -2.67
C THR B 167 2.60 -5.23 -3.90
N CYS B 168 1.32 -5.58 -3.71
CA CYS B 168 0.45 -5.89 -4.84
C CYS B 168 0.31 -4.71 -5.80
N TYR B 169 -0.07 -3.54 -5.29
CA TYR B 169 -0.33 -2.41 -6.18
C TYR B 169 0.92 -1.94 -6.91
N MET B 170 2.11 -2.14 -6.33
CA MET B 170 3.32 -1.82 -7.06
C MET B 170 3.50 -2.74 -8.26
N ALA B 171 3.19 -4.03 -8.09
CA ALA B 171 3.26 -4.96 -9.22
C ALA B 171 2.25 -4.58 -10.29
N MET B 172 1.02 -4.23 -9.89
CA MET B 172 -0.02 -3.88 -10.85
C MET B 172 0.40 -2.70 -11.73
N GLU B 173 1.18 -1.76 -11.20
CA GLU B 173 1.63 -0.64 -12.01
C GLU B 173 2.59 -1.09 -13.09
N PHE B 174 3.46 -2.05 -12.78
CA PHE B 174 4.34 -2.61 -13.81
C PHE B 174 3.54 -3.30 -14.91
N VAL B 175 2.49 -4.02 -14.53
CA VAL B 175 1.63 -4.67 -15.52
C VAL B 175 0.99 -3.62 -16.41
N LYS B 176 0.49 -2.55 -15.80
CA LYS B 176 -0.16 -1.46 -16.53
C LYS B 176 0.77 -0.87 -17.59
N ARG B 177 2.07 -0.88 -17.34
CA ARG B 177 3.03 -0.30 -18.26
C ARG B 177 3.63 -1.31 -19.22
N GLY B 178 3.14 -2.56 -19.19
CA GLY B 178 3.59 -3.57 -20.11
C GLY B 178 4.86 -4.29 -19.72
N VAL B 179 5.36 -4.06 -18.50
CA VAL B 179 6.68 -4.53 -18.16
C VAL B 179 6.69 -6.03 -17.88
N GLY B 180 5.61 -6.56 -17.31
CA GLY B 180 5.58 -7.98 -17.00
C GLY B 180 4.18 -8.41 -16.64
N CYS B 181 4.07 -9.66 -16.21
CA CYS B 181 2.80 -10.25 -15.84
C CYS B 181 2.94 -10.90 -14.47
N CYS B 182 1.78 -11.24 -13.89
N CYS B 182 1.80 -11.20 -13.86
CA CYS B 182 1.71 -11.70 -12.51
CA CYS B 182 1.83 -11.92 -12.58
C CYS B 182 0.43 -12.49 -12.31
C CYS B 182 0.44 -12.45 -12.28
N ILE B 183 0.39 -13.23 -11.20
CA ILE B 183 -0.85 -13.78 -10.66
C ILE B 183 -1.10 -13.09 -9.33
N THR B 184 -2.29 -12.52 -9.18
CA THR B 184 -2.60 -11.70 -8.02
C THR B 184 -4.03 -11.95 -7.60
N ASP B 185 -4.39 -11.42 -6.44
CA ASP B 185 -5.76 -11.48 -5.98
C ASP B 185 -6.64 -10.58 -6.84
N ILE B 186 -7.94 -10.87 -6.84
CA ILE B 186 -8.86 -10.13 -7.68
C ILE B 186 -8.97 -8.67 -7.25
N PHE B 187 -8.80 -8.39 -5.95
CA PHE B 187 -9.01 -7.03 -5.47
C PHE B 187 -7.95 -6.07 -5.96
N SER B 188 -6.68 -6.46 -5.85
CA SER B 188 -5.62 -5.59 -6.35
C SER B 188 -5.69 -5.44 -7.87
N ALA B 189 -6.23 -6.45 -8.57
CA ALA B 189 -6.39 -6.34 -10.02
C ALA B 189 -7.54 -5.41 -10.37
N ARG B 190 -8.69 -5.60 -9.71
N ARG B 190 -8.70 -5.60 -9.74
CA ARG B 190 -9.88 -4.78 -9.98
CA ARG B 190 -9.85 -4.76 -10.04
C ARG B 190 -9.59 -3.30 -9.76
C ARG B 190 -9.54 -3.29 -9.80
N HIS B 191 -8.91 -2.99 -8.67
CA HIS B 191 -8.68 -1.59 -8.28
C HIS B 191 -7.70 -0.88 -9.19
N SER B 192 -6.70 -1.58 -9.72
CA SER B 192 -5.62 -0.92 -10.44
C SER B 192 -5.71 -1.05 -11.95
N LEU B 193 -6.40 -2.06 -12.46
CA LEU B 193 -6.33 -2.41 -13.87
C LEU B 193 -7.70 -2.32 -14.55
N THR B 194 -7.67 -1.98 -15.83
CA THR B 194 -8.86 -2.08 -16.65
C THR B 194 -9.19 -3.55 -16.89
N PRO B 195 -10.48 -3.87 -17.11
CA PRO B 195 -10.89 -5.28 -17.07
C PRO B 195 -10.24 -6.15 -18.14
N GLU B 196 -9.86 -5.62 -19.29
CA GLU B 196 -9.28 -6.48 -20.31
C GLU B 196 -7.87 -6.95 -19.98
N MET B 197 -7.26 -6.42 -18.91
CA MET B 197 -5.98 -6.90 -18.43
C MET B 197 -6.11 -8.04 -17.41
N ILE B 198 -7.32 -8.35 -16.97
CA ILE B 198 -7.55 -9.28 -15.88
C ILE B 198 -8.11 -10.58 -16.45
N HIS B 199 -7.36 -11.67 -16.28
CA HIS B 199 -7.73 -12.97 -16.85
C HIS B 199 -7.99 -14.00 -15.77
N GLN B 200 -9.04 -14.81 -15.99
CA GLN B 200 -9.27 -15.99 -15.17
C GLN B 200 -8.15 -17.00 -15.41
N ILE B 201 -7.89 -17.81 -14.40
CA ILE B 201 -6.88 -18.86 -14.48
C ILE B 201 -7.57 -20.18 -14.77
N SER B 202 -6.87 -21.09 -15.44
CA SER B 202 -7.37 -22.44 -15.68
C SER B 202 -6.33 -23.45 -15.19
N PRO B 203 -6.67 -24.32 -14.22
CA PRO B 203 -7.98 -24.33 -13.56
C PRO B 203 -8.09 -23.17 -12.56
N PRO B 204 -9.32 -22.79 -12.20
CA PRO B 204 -9.49 -21.72 -11.23
C PRO B 204 -8.58 -21.89 -10.02
N MET B 205 -7.98 -20.80 -9.58
CA MET B 205 -7.15 -20.77 -8.39
C MET B 205 -7.76 -19.83 -7.37
N LYS B 206 -7.62 -20.18 -6.09
CA LYS B 206 -8.14 -19.36 -5.02
C LYS B 206 -7.19 -19.40 -3.84
N ILE B 207 -7.33 -18.42 -2.96
CA ILE B 207 -6.59 -18.38 -1.71
C ILE B 207 -7.57 -17.94 -0.62
N ASP B 208 -7.35 -18.44 0.59
CA ASP B 208 -8.30 -18.25 1.67
C ASP B 208 -8.08 -16.93 2.41
N LEU B 209 -9.18 -16.29 2.80
CA LEU B 209 -9.16 -15.05 3.55
C LEU B 209 -9.46 -15.34 5.03
N TYR B 210 -8.60 -14.86 5.92
CA TYR B 210 -8.71 -15.13 7.35
C TYR B 210 -8.77 -13.83 8.14
N LEU B 211 -9.61 -13.81 9.17
CA LEU B 211 -9.59 -12.79 10.20
C LEU B 211 -8.83 -13.34 11.40
N LEU B 212 -7.76 -12.64 11.81
CA LEU B 212 -6.96 -13.08 12.93
C LEU B 212 -7.30 -12.28 14.18
N ARG B 213 -7.26 -12.93 15.33
CA ARG B 213 -7.56 -12.27 16.60
CA ARG B 213 -7.60 -12.30 16.61
C ARG B 213 -6.82 -13.01 17.71
N ARG B 214 -6.26 -12.25 18.64
CA ARG B 214 -5.66 -12.88 19.82
C ARG B 214 -6.76 -13.53 20.64
N ALA B 215 -6.45 -14.71 21.18
CA ALA B 215 -7.45 -15.41 22.01
C ALA B 215 -7.66 -14.70 23.32
N ASP B 216 -6.59 -14.16 23.92
CA ASP B 216 -6.68 -13.46 25.20
C ASP B 216 -7.03 -11.98 25.03
N ALA B 217 -7.81 -11.65 24.01
CA ALA B 217 -8.16 -10.26 23.71
C ALA B 217 -9.69 -10.16 23.71
N SER B 218 -10.25 -9.63 24.79
CA SER B 218 -11.68 -9.38 24.86
C SER B 218 -12.01 -8.07 24.16
N LEU B 219 -13.07 -8.09 23.34
CA LEU B 219 -13.45 -6.95 22.55
C LEU B 219 -14.86 -6.49 22.93
N SER B 220 -15.10 -5.20 22.76
CA SER B 220 -16.33 -4.58 23.23
C SER B 220 -17.53 -5.03 22.39
N PRO B 221 -18.75 -4.81 22.88
CA PRO B 221 -19.92 -5.22 22.09
C PRO B 221 -20.00 -4.56 20.73
N VAL B 222 -19.70 -3.26 20.65
CA VAL B 222 -19.74 -2.57 19.37
C VAL B 222 -18.67 -3.12 18.44
N THR B 223 -17.50 -3.44 18.98
CA THR B 223 -16.41 -3.97 18.17
C THR B 223 -16.76 -5.33 17.58
N GLN B 224 -17.41 -6.19 18.37
CA GLN B 224 -17.81 -7.50 17.85
C GLN B 224 -18.93 -7.36 16.82
N LYS B 225 -19.78 -6.33 16.96
CA LYS B 225 -20.78 -6.07 15.93
C LYS B 225 -20.10 -5.72 14.61
N PHE B 226 -19.07 -4.88 14.65
CA PHE B 226 -18.30 -4.57 13.45
C PHE B 226 -17.69 -5.82 12.85
N VAL B 227 -17.13 -6.68 13.70
CA VAL B 227 -16.49 -7.90 13.22
C VAL B 227 -17.49 -8.75 12.45
N ASP B 228 -18.68 -8.93 13.03
CA ASP B 228 -19.71 -9.74 12.36
C ASP B 228 -20.13 -9.11 11.04
N PHE B 229 -20.35 -7.79 11.05
CA PHE B 229 -20.69 -7.08 9.82
C PHE B 229 -19.59 -7.24 8.78
N LEU B 230 -18.34 -7.07 9.21
CA LEU B 230 -17.20 -7.20 8.30
C LEU B 230 -17.15 -8.58 7.67
N CYS B 231 -17.28 -9.63 8.48
CA CYS B 231 -17.19 -10.99 7.97
C CYS B 231 -18.32 -11.29 7.00
N LYS B 232 -19.54 -10.88 7.34
N LYS B 232 -19.55 -10.92 7.36
CA LYS B 232 -20.69 -11.12 6.47
CA LYS B 232 -20.69 -11.10 6.47
C LYS B 232 -20.52 -10.41 5.13
C LYS B 232 -20.46 -10.42 5.13
N ARG B 233 -20.14 -9.13 5.17
CA ARG B 233 -19.96 -8.36 3.94
C ARG B 233 -18.84 -8.94 3.07
N LEU B 234 -17.72 -9.29 3.70
CA LEU B 234 -16.61 -9.87 2.94
C LEU B 234 -17.03 -11.17 2.25
N ARG B 235 -17.78 -12.02 2.96
CA ARG B 235 -18.25 -13.26 2.34
C ARG B 235 -19.25 -12.97 1.24
N ASN B 236 -20.19 -12.07 1.47
CA ASN B 236 -21.21 -11.80 0.45
C ASN B 236 -20.60 -11.17 -0.79
N GLU B 237 -19.62 -10.28 -0.62
CA GLU B 237 -18.96 -9.70 -1.79
C GLU B 237 -18.17 -10.76 -2.54
N LEU B 238 -17.40 -11.58 -1.82
CA LEU B 238 -16.63 -12.64 -2.47
C LEU B 238 -17.54 -13.66 -3.13
N ARG B 239 -18.69 -13.96 -2.52
CA ARG B 239 -19.66 -14.87 -3.14
C ARG B 239 -20.06 -14.35 -4.52
N GLU B 240 -20.37 -13.05 -4.61
N GLU B 240 -20.28 -13.03 -4.61
CA GLU B 240 -20.70 -12.47 -5.90
CA GLU B 240 -20.71 -12.42 -5.87
C GLU B 240 -19.52 -12.56 -6.84
C GLU B 240 -19.57 -12.33 -6.88
N ILE B 241 -18.35 -12.09 -6.40
CA ILE B 241 -17.19 -12.04 -7.30
C ILE B 241 -16.88 -13.45 -7.82
N ASN B 242 -16.95 -14.44 -6.94
CA ASN B 242 -16.63 -15.80 -7.36
C ASN B 242 -17.61 -16.32 -8.39
N LEU B 243 -18.88 -15.92 -8.32
CA LEU B 243 -19.84 -16.44 -9.30
C LEU B 243 -19.59 -15.80 -10.66
N GLU B 244 -19.06 -14.59 -10.69
CA GLU B 244 -18.65 -13.95 -11.92
C GLU B 244 -17.41 -14.57 -12.53
N LEU B 245 -16.82 -15.57 -11.87
CA LEU B 245 -15.58 -16.18 -12.33
C LEU B 245 -15.66 -17.71 -12.26
CAO 3IO C . -0.51 8.84 5.07
CAG 3IO C . -1.19 8.16 6.09
CAE 3IO C . -2.49 8.53 6.45
CAD 3IO C . -3.12 9.57 5.79
CAF 3IO C . -2.46 10.25 4.78
CAN 3IO C . -1.15 9.88 4.42
NAJ 3IO C . -0.29 10.38 3.47
CAH 3IO C . 0.87 9.67 3.52
CAM 3IO C . 0.73 8.71 4.51
CAI 3IO C . 1.96 7.83 4.70
CAL 3IO C . 1.91 6.61 3.76
OAB 3IO C . 2.62 6.60 2.81
CAK 3IO C . 0.95 5.49 4.10
OAC 3IO C . 0.07 5.07 3.29
OAA 3IO C . 1.03 4.94 5.23
MG MG D . 0.90 -0.74 1.86
CAO 3IO E . 0.53 -9.58 -3.46
CAG 3IO E . 1.93 -9.43 -3.39
CAE 3IO E . 2.65 -9.22 -4.57
CAD 3IO E . 2.00 -9.17 -5.78
CAF 3IO E . 0.63 -9.31 -5.85
CAN 3IO E . -0.12 -9.53 -4.66
NAJ 3IO E . -1.46 -9.70 -4.43
CAH 3IO E . -1.65 -9.86 -3.09
CAM 3IO E . -0.41 -9.79 -2.49
CAI 3IO E . -0.44 -9.97 -0.99
CAL 3IO E . 0.19 -8.74 -0.33
OAB 3IO E . 1.16 -8.89 0.34
CAK 3IO E . -0.43 -7.38 -0.59
OAC 3IO E . -1.68 -7.23 -0.38
OAA 3IO E . 0.25 -6.40 -1.02
#